data_5OIP
#
_entry.id   5OIP
#
_cell.length_a   99.140
_cell.length_b   99.140
_cell.length_c   141.520
_cell.angle_alpha   90.00
_cell.angle_beta   90.00
_cell.angle_gamma   120.00
#
_symmetry.space_group_name_H-M   'P 62 2 2'
#
loop_
_entity.id
_entity.type
_entity.pdbx_description
1 polymer 'Enoyl-[acyl-carrier-protein] reductase [NADH]'
2 non-polymer NICOTINAMIDE-ADENINE-DINUCLEOTIDE
3 non-polymer 1-(pyridin-3-ylmethyl)-3-(1-pyrimidin-2-ylpiperidin-4-yl)urea
4 non-polymer 'PHOSPHATE ION'
5 water water
#
_entity_poly.entity_id   1
_entity_poly.type   'polypeptide(L)'
_entity_poly.pdbx_seq_one_letter_code
;MAGLLDGKRILVSGIITDSSIAFHIARVAQEQGAQLVLTGFDRLRLIQRITDRLPAKAPLLELDVQNEEHLASLAGRVTE
AIGAGNKLDGVVHSIGFMPQTGMGINPFFDAPYADVSKGIHISAYSYASMAKALLPIMNPGGSIVGMDFDPSRAMPAYNW
MTVAKSALESVNRFVAREAGKYGVRSNLVAAGPIRTLAMSAIVGGALGEEAGAQIQLLEEGWDQRAPIGWNMKDATPVAK
TVCALLSDWLPATTGDIIYADGGAHTQLL
;
_entity_poly.pdbx_strand_id   A
#
loop_
_chem_comp.id
_chem_comp.type
_chem_comp.name
_chem_comp.formula
9WE non-polymer 1-(pyridin-3-ylmethyl)-3-(1-pyrimidin-2-ylpiperidin-4-yl)urea 'C16 H20 N6 O'
NAD non-polymer NICOTINAMIDE-ADENINE-DINUCLEOTIDE 'C21 H27 N7 O14 P2'
PO4 non-polymer 'PHOSPHATE ION' 'O4 P -3'
#
# COMPACT_ATOMS: atom_id res chain seq x y z
N ALA A 2 -11.75 22.47 -8.00
CA ALA A 2 -11.51 22.90 -6.62
C ALA A 2 -11.40 21.72 -5.63
N GLY A 3 -10.86 20.61 -6.11
CA GLY A 3 -10.69 19.40 -5.32
C GLY A 3 -9.55 19.48 -4.32
N LEU A 4 -9.49 18.50 -3.40
CA LEU A 4 -8.47 18.40 -2.35
C LEU A 4 -7.04 18.37 -2.90
N LEU A 5 -6.84 17.75 -4.08
CA LEU A 5 -5.53 17.57 -4.72
C LEU A 5 -5.39 18.31 -6.07
N ASP A 6 -6.13 19.42 -6.25
CA ASP A 6 -6.13 20.21 -7.48
C ASP A 6 -4.72 20.65 -7.89
N GLY A 7 -4.34 20.31 -9.11
CA GLY A 7 -3.03 20.63 -9.68
C GLY A 7 -1.86 19.77 -9.26
N LYS A 8 -2.08 18.75 -8.40
CA LYS A 8 -0.99 17.88 -7.94
C LYS A 8 -0.69 16.73 -8.91
N ARG A 9 0.60 16.43 -9.12
CA ARG A 9 1.07 15.33 -9.97
C ARG A 9 1.46 14.18 -9.02
N ILE A 10 0.74 13.04 -9.10
CA ILE A 10 0.91 11.91 -8.17
C ILE A 10 1.14 10.57 -8.88
N LEU A 11 2.15 9.81 -8.42
CA LEU A 11 2.45 8.46 -8.93
C LEU A 11 1.74 7.46 -8.03
N VAL A 12 0.96 6.53 -8.63
CA VAL A 12 0.24 5.49 -7.88
C VAL A 12 0.67 4.11 -8.37
N SER A 13 1.28 3.32 -7.47
CA SER A 13 1.71 1.95 -7.73
C SER A 13 0.68 0.97 -7.13
N GLY A 14 0.71 -0.30 -7.55
CA GLY A 14 -0.10 -1.35 -6.93
C GLY A 14 -1.44 -1.77 -7.49
N ILE A 15 -1.83 -1.26 -8.68
CA ILE A 15 -3.10 -1.70 -9.28
C ILE A 15 -2.86 -3.04 -10.00
N ILE A 16 -3.71 -4.05 -9.71
CA ILE A 16 -3.68 -5.33 -10.41
C ILE A 16 -5.11 -5.70 -10.88
N THR A 17 -6.14 -5.47 -10.03
CA THR A 17 -7.55 -5.70 -10.37
C THR A 17 -8.40 -4.51 -9.91
N ASP A 18 -9.71 -4.57 -10.19
CA ASP A 18 -10.68 -3.55 -9.78
C ASP A 18 -10.95 -3.59 -8.26
N SER A 19 -10.46 -4.63 -7.56
CA SER A 19 -10.59 -4.74 -6.10
C SER A 19 -9.32 -4.27 -5.35
N SER A 20 -8.26 -3.88 -6.08
CA SER A 20 -7.01 -3.39 -5.46
C SER A 20 -7.28 -2.10 -4.68
N ILE A 21 -6.69 -1.97 -3.48
CA ILE A 21 -6.80 -0.73 -2.68
C ILE A 21 -6.32 0.47 -3.53
N ALA A 22 -5.23 0.29 -4.32
CA ALA A 22 -4.67 1.32 -5.20
C ALA A 22 -5.64 1.79 -6.30
N PHE A 23 -6.57 0.91 -6.76
CA PHE A 23 -7.57 1.32 -7.76
C PHE A 23 -8.49 2.40 -7.14
N HIS A 24 -8.92 2.19 -5.88
CA HIS A 24 -9.78 3.11 -5.14
C HIS A 24 -9.04 4.41 -4.78
N ILE A 25 -7.74 4.32 -4.41
CA ILE A 25 -6.90 5.50 -4.15
C ILE A 25 -6.83 6.34 -5.44
N ALA A 26 -6.54 5.70 -6.59
CA ALA A 26 -6.44 6.36 -7.91
C ALA A 26 -7.75 7.07 -8.31
N ARG A 27 -8.91 6.40 -8.13
N ARG A 27 -8.90 6.39 -8.13
CA ARG A 27 -10.22 6.96 -8.46
CA ARG A 27 -10.24 6.93 -8.44
C ARG A 27 -10.53 8.22 -7.61
C ARG A 27 -10.53 8.19 -7.62
N VAL A 28 -10.35 8.13 -6.28
CA VAL A 28 -10.60 9.26 -5.37
C VAL A 28 -9.65 10.45 -5.68
N ALA A 29 -8.36 10.16 -5.92
CA ALA A 29 -7.35 11.20 -6.25
C ALA A 29 -7.76 11.96 -7.52
N GLN A 30 -8.25 11.24 -8.56
CA GLN A 30 -8.70 11.86 -9.81
C GLN A 30 -9.98 12.69 -9.62
N GLU A 31 -10.93 12.21 -8.79
CA GLU A 31 -12.17 12.94 -8.46
C GLU A 31 -11.81 14.26 -7.75
N GLN A 32 -10.67 14.28 -7.02
CA GLN A 32 -10.17 15.43 -6.28
C GLN A 32 -9.15 16.31 -7.06
N GLY A 33 -9.11 16.16 -8.37
CA GLY A 33 -8.29 16.99 -9.26
C GLY A 33 -6.82 16.66 -9.48
N ALA A 34 -6.34 15.50 -9.00
CA ALA A 34 -4.95 15.11 -9.20
C ALA A 34 -4.68 14.58 -10.61
N GLN A 35 -3.47 14.80 -11.13
CA GLN A 35 -3.00 14.30 -12.44
C GLN A 35 -2.10 13.11 -12.11
N LEU A 36 -2.50 11.90 -12.55
CA LEU A 36 -1.76 10.68 -12.18
C LEU A 36 -0.83 10.09 -13.22
N VAL A 37 0.14 9.29 -12.72
CA VAL A 37 1.06 8.43 -13.45
C VAL A 37 0.94 7.10 -12.69
N LEU A 38 0.66 6.01 -13.42
CA LEU A 38 0.48 4.69 -12.79
C LEU A 38 1.64 3.74 -13.06
N THR A 39 1.96 2.87 -12.09
CA THR A 39 2.98 1.83 -12.28
C THR A 39 2.36 0.46 -12.07
N GLY A 40 2.74 -0.50 -12.91
CA GLY A 40 2.22 -1.85 -12.86
C GLY A 40 3.26 -2.93 -12.99
N PHE A 41 2.98 -4.10 -12.39
CA PHE A 41 3.88 -5.25 -12.41
C PHE A 41 3.33 -6.46 -13.18
N ASP A 42 4.19 -7.04 -14.04
CA ASP A 42 4.02 -8.29 -14.79
C ASP A 42 2.86 -8.31 -15.81
N ARG A 43 1.60 -8.20 -15.36
CA ARG A 43 0.42 -8.32 -16.26
C ARG A 43 -0.07 -6.96 -16.77
N LEU A 44 0.76 -6.31 -17.62
CA LEU A 44 0.52 -4.96 -18.13
C LEU A 44 -0.72 -4.83 -19.03
N ARG A 45 -1.07 -5.89 -19.79
CA ARG A 45 -2.27 -5.87 -20.64
C ARG A 45 -3.53 -5.81 -19.76
N LEU A 46 -3.56 -6.62 -18.68
CA LEU A 46 -4.65 -6.65 -17.71
C LEU A 46 -4.78 -5.30 -17.00
N ILE A 47 -3.67 -4.73 -16.52
CA ILE A 47 -3.65 -3.46 -15.79
C ILE A 47 -4.16 -2.31 -16.66
N GLN A 48 -3.75 -2.25 -17.95
CA GLN A 48 -4.23 -1.22 -18.87
C GLN A 48 -5.76 -1.30 -19.05
N ARG A 49 -6.28 -2.53 -19.19
CA ARG A 49 -7.70 -2.81 -19.38
C ARG A 49 -8.50 -2.41 -18.13
N ILE A 50 -7.96 -2.73 -16.93
CA ILE A 50 -8.57 -2.38 -15.64
C ILE A 50 -8.61 -0.84 -15.45
N THR A 51 -7.46 -0.16 -15.68
CA THR A 51 -7.34 1.29 -15.48
C THR A 51 -8.11 2.14 -16.53
N ASP A 52 -8.63 1.52 -17.62
CA ASP A 52 -9.47 2.21 -18.61
C ASP A 52 -10.81 2.63 -17.96
N ARG A 53 -11.16 2.00 -16.82
CA ARG A 53 -12.38 2.27 -16.05
C ARG A 53 -12.23 3.45 -15.05
N LEU A 54 -11.01 4.02 -14.90
CA LEU A 54 -10.79 5.18 -14.02
C LEU A 54 -11.47 6.44 -14.62
N PRO A 55 -11.84 7.46 -13.80
CA PRO A 55 -12.50 8.69 -14.36
C PRO A 55 -11.73 9.40 -15.47
N ALA A 56 -10.38 9.34 -15.45
CA ALA A 56 -9.53 9.97 -16.46
C ALA A 56 -8.41 9.04 -16.92
N LYS A 57 -7.96 9.20 -18.17
CA LYS A 57 -6.88 8.42 -18.77
C LYS A 57 -5.55 8.83 -18.12
N ALA A 58 -4.72 7.84 -17.75
CA ALA A 58 -3.42 8.08 -17.12
C ALA A 58 -2.32 7.21 -17.74
N PRO A 59 -1.08 7.75 -17.95
CA PRO A 59 -0.01 6.90 -18.51
C PRO A 59 0.39 5.76 -17.56
N LEU A 60 0.66 4.57 -18.12
CA LEU A 60 1.03 3.38 -17.36
C LEU A 60 2.48 2.98 -17.65
N LEU A 61 3.31 2.88 -16.59
CA LEU A 61 4.72 2.50 -16.68
C LEU A 61 4.98 1.16 -15.99
N GLU A 62 5.88 0.34 -16.56
CA GLU A 62 6.22 -0.94 -15.97
C GLU A 62 7.21 -0.76 -14.81
N LEU A 63 6.95 -1.42 -13.68
CA LEU A 63 7.82 -1.40 -12.51
C LEU A 63 7.74 -2.68 -11.69
N ASP A 64 8.81 -3.49 -11.75
CA ASP A 64 9.03 -4.68 -10.93
C ASP A 64 10.05 -4.16 -9.88
N VAL A 65 9.65 -4.07 -8.60
CA VAL A 65 10.52 -3.52 -7.55
C VAL A 65 11.77 -4.38 -7.25
N GLN A 66 11.83 -5.63 -7.75
CA GLN A 66 13.00 -6.51 -7.58
C GLN A 66 14.01 -6.31 -8.73
N ASN A 67 13.61 -5.53 -9.76
CA ASN A 67 14.43 -5.27 -10.95
C ASN A 67 15.21 -3.94 -10.83
N GLU A 68 16.54 -4.04 -10.70
CA GLU A 68 17.46 -2.89 -10.56
C GLU A 68 17.40 -1.92 -11.75
N GLU A 69 17.25 -2.45 -12.98
CA GLU A 69 17.16 -1.66 -14.20
C GLU A 69 15.88 -0.82 -14.23
N HIS A 70 14.73 -1.42 -13.82
CA HIS A 70 13.44 -0.74 -13.76
C HIS A 70 13.53 0.47 -12.80
N LEU A 71 14.17 0.28 -11.64
CA LEU A 71 14.33 1.34 -10.63
C LEU A 71 15.30 2.43 -11.09
N ALA A 72 16.39 2.06 -11.78
CA ALA A 72 17.41 3.00 -12.29
C ALA A 72 16.86 3.93 -13.37
N SER A 73 15.90 3.46 -14.17
CA SER A 73 15.31 4.24 -15.27
C SER A 73 13.99 4.92 -14.89
N LEU A 74 13.41 4.60 -13.71
CA LEU A 74 12.10 5.10 -13.27
C LEU A 74 11.94 6.62 -13.32
N ALA A 75 12.85 7.40 -12.67
CA ALA A 75 12.77 8.87 -12.67
C ALA A 75 12.71 9.49 -14.09
N GLY A 76 13.52 8.97 -15.00
CA GLY A 76 13.57 9.41 -16.40
C GLY A 76 12.29 9.11 -17.17
N ARG A 77 11.72 7.91 -16.93
CA ARG A 77 10.47 7.49 -17.56
C ARG A 77 9.27 8.32 -17.05
N VAL A 78 9.25 8.66 -15.74
CA VAL A 78 8.20 9.51 -15.13
C VAL A 78 8.31 10.94 -15.71
N THR A 79 9.53 11.50 -15.79
CA THR A 79 9.80 12.85 -16.35
C THR A 79 9.29 12.95 -17.80
N GLU A 80 9.49 11.89 -18.60
CA GLU A 80 9.02 11.80 -19.99
C GLU A 80 7.47 11.84 -20.03
N ALA A 81 6.80 11.17 -19.07
CA ALA A 81 5.33 11.10 -18.96
C ALA A 81 4.67 12.41 -18.49
N ILE A 82 5.33 13.15 -17.56
CA ILE A 82 4.76 14.40 -17.02
C ILE A 82 5.31 15.66 -17.71
N GLY A 83 6.35 15.50 -18.52
CA GLY A 83 6.99 16.59 -19.25
C GLY A 83 8.16 17.21 -18.52
N ALA A 84 9.21 17.59 -19.28
CA ALA A 84 10.42 18.22 -18.75
C ALA A 84 10.09 19.50 -17.99
N GLY A 85 10.79 19.73 -16.88
CA GLY A 85 10.58 20.89 -16.03
C GLY A 85 9.51 20.69 -14.96
N ASN A 86 8.77 19.57 -15.02
CA ASN A 86 7.73 19.24 -14.04
C ASN A 86 8.23 18.16 -13.08
N LYS A 87 7.76 18.21 -11.81
CA LYS A 87 8.11 17.24 -10.78
C LYS A 87 6.84 16.67 -10.12
N LEU A 88 7.01 15.58 -9.34
CA LEU A 88 5.92 14.93 -8.62
C LEU A 88 5.66 15.64 -7.29
N ASP A 89 4.41 15.63 -6.85
CA ASP A 89 3.98 16.17 -5.56
C ASP A 89 3.65 15.03 -4.59
N GLY A 90 3.40 13.84 -5.13
CA GLY A 90 3.03 12.68 -4.33
C GLY A 90 3.42 11.34 -4.93
N VAL A 91 3.64 10.34 -4.04
CA VAL A 91 3.99 8.96 -4.37
C VAL A 91 3.16 8.03 -3.46
N VAL A 92 2.49 7.01 -4.05
CA VAL A 92 1.70 6.01 -3.30
C VAL A 92 2.32 4.63 -3.53
N HIS A 93 2.79 4.00 -2.43
CA HIS A 93 3.32 2.64 -2.43
C HIS A 93 2.17 1.76 -1.94
N SER A 94 1.60 0.93 -2.81
CA SER A 94 0.51 0.01 -2.44
C SER A 94 0.89 -1.39 -2.97
N ILE A 95 2.09 -1.84 -2.56
CA ILE A 95 2.73 -3.08 -2.99
C ILE A 95 2.97 -4.03 -1.80
N GLY A 96 2.61 -5.29 -2.00
CA GLY A 96 2.79 -6.32 -0.99
C GLY A 96 2.75 -7.71 -1.60
N PHE A 97 3.56 -8.62 -1.03
CA PHE A 97 3.62 -10.03 -1.45
C PHE A 97 4.34 -10.86 -0.42
N MET A 98 3.83 -12.08 -0.20
CA MET A 98 4.46 -13.09 0.64
C MET A 98 4.12 -14.47 0.05
N PRO A 99 5.11 -15.33 -0.27
CA PRO A 99 4.79 -16.67 -0.79
C PRO A 99 3.86 -17.44 0.17
N GLN A 100 3.05 -18.37 -0.38
CA GLN A 100 2.08 -19.16 0.40
C GLN A 100 2.68 -19.82 1.66
N THR A 101 3.97 -20.26 1.58
CA THR A 101 4.71 -20.89 2.69
C THR A 101 4.83 -19.96 3.90
N GLY A 102 4.78 -18.65 3.65
CA GLY A 102 4.89 -17.62 4.69
C GLY A 102 3.56 -17.12 5.24
N MET A 103 2.40 -17.60 4.70
N MET A 103 2.46 -17.72 4.79
CA MET A 103 1.10 -17.07 5.12
CA MET A 103 1.11 -17.48 5.27
C MET A 103 0.03 -18.11 5.55
C MET A 103 0.53 -18.86 5.67
N GLY A 104 0.46 -19.20 6.20
N GLY A 104 -0.72 -18.91 6.12
CA GLY A 104 -0.46 -20.18 6.77
CA GLY A 104 -1.39 -20.10 6.66
C GLY A 104 -0.74 -21.47 6.04
C GLY A 104 -1.29 -21.49 6.04
N ILE A 105 -0.17 -21.69 4.82
N ILE A 105 -0.63 -21.65 4.87
CA ILE A 105 -0.38 -22.95 4.09
CA ILE A 105 -0.52 -22.93 4.14
C ILE A 105 0.37 -24.08 4.82
C ILE A 105 0.27 -24.04 4.93
N ASN A 106 1.33 -23.67 5.67
CA ASN A 106 2.15 -24.58 6.47
C ASN A 106 2.50 -23.87 7.79
N PRO A 107 2.95 -24.59 8.85
CA PRO A 107 3.31 -23.91 10.10
C PRO A 107 4.37 -22.80 9.94
N PHE A 108 4.35 -21.81 10.87
CA PHE A 108 5.27 -20.66 10.90
C PHE A 108 6.76 -21.08 10.73
N PHE A 109 7.19 -22.12 11.47
CA PHE A 109 8.57 -22.63 11.44
C PHE A 109 8.98 -23.30 10.11
N ASP A 110 8.00 -23.66 9.24
CA ASP A 110 8.30 -24.36 7.99
C ASP A 110 8.48 -23.45 6.76
N ALA A 111 8.43 -22.11 6.93
CA ALA A 111 8.66 -21.18 5.81
C ALA A 111 10.17 -21.06 5.54
N PRO A 112 10.67 -21.45 4.34
CA PRO A 112 12.13 -21.33 4.06
C PRO A 112 12.54 -19.87 3.95
N TYR A 113 13.79 -19.53 4.34
CA TYR A 113 14.24 -18.12 4.31
C TYR A 113 14.22 -17.51 2.90
N ALA A 114 14.47 -18.29 1.83
CA ALA A 114 14.40 -17.76 0.45
C ALA A 114 13.02 -17.14 0.18
N ASP A 115 11.93 -17.80 0.66
CA ASP A 115 10.56 -17.30 0.50
C ASP A 115 10.30 -16.05 1.35
N VAL A 116 10.68 -16.08 2.65
CA VAL A 116 10.53 -14.94 3.58
C VAL A 116 11.29 -13.70 3.02
N SER A 117 12.54 -13.90 2.55
CA SER A 117 13.39 -12.85 1.97
C SER A 117 12.76 -12.18 0.76
N LYS A 118 12.12 -12.97 -0.13
CA LYS A 118 11.42 -12.43 -1.30
C LYS A 118 10.26 -11.54 -0.84
N GLY A 119 9.51 -12.02 0.17
CA GLY A 119 8.39 -11.29 0.76
C GLY A 119 8.81 -9.98 1.42
N ILE A 120 9.93 -9.98 2.17
CA ILE A 120 10.46 -8.77 2.81
C ILE A 120 11.00 -7.76 1.75
N HIS A 121 11.61 -8.26 0.66
CA HIS A 121 12.13 -7.42 -0.43
C HIS A 121 10.99 -6.57 -1.05
N ILE A 122 9.91 -7.25 -1.47
CA ILE A 122 8.75 -6.64 -2.12
C ILE A 122 7.91 -5.79 -1.16
N SER A 123 7.64 -6.29 0.07
CA SER A 123 6.76 -5.62 1.03
C SER A 123 7.38 -4.51 1.91
N ALA A 124 8.70 -4.55 2.18
CA ALA A 124 9.35 -3.57 3.07
C ALA A 124 10.53 -2.82 2.45
N TYR A 125 11.56 -3.54 1.93
CA TYR A 125 12.74 -2.90 1.32
C TYR A 125 12.35 -1.98 0.15
N SER A 126 11.37 -2.40 -0.69
CA SER A 126 10.91 -1.62 -1.84
C SER A 126 10.38 -0.23 -1.50
N TYR A 127 9.94 -0.01 -0.24
CA TYR A 127 9.48 1.33 0.17
C TYR A 127 10.68 2.29 0.14
N ALA A 128 11.86 1.82 0.59
CA ALA A 128 13.11 2.60 0.53
C ALA A 128 13.59 2.74 -0.93
N SER A 129 13.48 1.66 -1.74
CA SER A 129 13.89 1.63 -3.17
C SER A 129 13.14 2.69 -3.97
N MET A 130 11.82 2.78 -3.77
CA MET A 130 10.97 3.73 -4.47
C MET A 130 11.27 5.17 -4.08
N ALA A 131 11.46 5.42 -2.77
CA ALA A 131 11.83 6.75 -2.28
C ALA A 131 13.19 7.19 -2.85
N LYS A 132 14.18 6.27 -2.90
CA LYS A 132 15.51 6.59 -3.45
C LYS A 132 15.39 7.02 -4.93
N ALA A 133 14.59 6.28 -5.72
CA ALA A 133 14.39 6.57 -7.14
C ALA A 133 13.61 7.84 -7.43
N LEU A 134 12.61 8.18 -6.59
CA LEU A 134 11.68 9.28 -6.86
C LEU A 134 11.95 10.60 -6.11
N LEU A 135 12.61 10.59 -4.94
CA LEU A 135 12.90 11.85 -4.24
C LEU A 135 13.64 12.90 -5.12
N PRO A 136 14.60 12.54 -6.01
CA PRO A 136 15.24 13.57 -6.86
C PRO A 136 14.29 14.28 -7.85
N ILE A 137 13.07 13.73 -8.05
CA ILE A 137 12.07 14.35 -8.93
C ILE A 137 10.77 14.73 -8.15
N MET A 138 10.91 15.02 -6.82
CA MET A 138 9.80 15.45 -5.97
C MET A 138 9.95 16.90 -5.54
N ASN A 139 8.82 17.63 -5.53
CA ASN A 139 8.78 19.04 -5.13
C ASN A 139 8.76 19.20 -3.60
N PRO A 140 9.31 20.32 -3.04
CA PRO A 140 9.16 20.56 -1.59
C PRO A 140 7.67 20.67 -1.26
N GLY A 141 7.28 20.15 -0.11
CA GLY A 141 5.88 20.09 0.31
C GLY A 141 5.21 18.80 -0.14
N GLY A 142 5.98 17.93 -0.78
CA GLY A 142 5.54 16.64 -1.31
C GLY A 142 5.24 15.61 -0.24
N SER A 143 4.63 14.47 -0.65
CA SER A 143 4.20 13.44 0.29
C SER A 143 4.35 12.02 -0.27
N ILE A 144 4.93 11.11 0.51
CA ILE A 144 5.08 9.68 0.19
C ILE A 144 4.17 8.89 1.18
N VAL A 145 3.28 8.02 0.65
CA VAL A 145 2.35 7.25 1.49
C VAL A 145 2.46 5.76 1.14
N GLY A 146 2.56 4.90 2.16
CA GLY A 146 2.57 3.45 2.00
C GLY A 146 1.45 2.77 2.76
N MET A 147 1.07 1.54 2.35
CA MET A 147 0.00 0.75 2.99
C MET A 147 0.54 -0.22 4.03
N ASP A 148 -0.07 -0.21 5.24
CA ASP A 148 0.32 -1.04 6.38
C ASP A 148 -0.87 -1.82 6.96
N PHE A 149 -0.59 -2.89 7.71
CA PHE A 149 -1.59 -3.67 8.46
C PHE A 149 -0.98 -3.86 9.85
N ASP A 150 -1.60 -3.26 10.88
CA ASP A 150 -1.06 -3.20 12.25
C ASP A 150 -0.39 -4.51 12.72
N PRO A 151 0.96 -4.52 12.84
CA PRO A 151 1.65 -5.75 13.26
C PRO A 151 2.15 -5.75 14.73
N SER A 152 1.67 -4.80 15.58
N SER A 152 1.66 -4.82 15.58
CA SER A 152 2.14 -4.68 16.98
CA SER A 152 2.05 -4.66 16.99
C SER A 152 1.86 -5.92 17.83
C SER A 152 1.85 -5.91 17.82
N ARG A 153 0.88 -6.76 17.43
CA ARG A 153 0.56 -8.00 18.12
CA ARG A 153 0.56 -8.02 18.11
C ARG A 153 0.49 -9.15 17.10
N ALA A 154 0.88 -10.36 17.51
CA ALA A 154 0.85 -11.52 16.63
C ALA A 154 -0.61 -11.93 16.39
N MET A 155 -0.86 -12.64 15.29
N MET A 155 -0.87 -12.54 15.22
CA MET A 155 -2.21 -13.06 14.93
CA MET A 155 -2.22 -12.94 14.75
C MET A 155 -2.16 -14.36 14.13
C MET A 155 -2.17 -14.32 14.06
N PRO A 156 -3.26 -15.13 14.07
CA PRO A 156 -3.22 -16.40 13.31
C PRO A 156 -3.12 -16.17 11.79
N ALA A 157 -2.45 -17.10 11.09
CA ALA A 157 -2.30 -17.21 9.63
C ALA A 157 -1.47 -16.11 8.92
N TYR A 158 -1.59 -14.82 9.30
CA TYR A 158 -0.82 -13.73 8.65
C TYR A 158 0.71 -13.97 8.72
N ASN A 159 1.16 -14.68 9.77
CA ASN A 159 2.51 -15.20 9.98
C ASN A 159 3.65 -14.27 9.51
N TRP A 160 4.44 -14.66 8.48
CA TRP A 160 5.59 -13.85 8.05
C TRP A 160 5.22 -12.53 7.37
N MET A 161 3.96 -12.37 6.88
CA MET A 161 3.56 -11.06 6.32
C MET A 161 3.50 -10.03 7.48
N THR A 162 3.14 -10.48 8.72
CA THR A 162 3.13 -9.61 9.91
C THR A 162 4.57 -9.11 10.17
N VAL A 163 5.57 -10.02 10.08
CA VAL A 163 6.99 -9.70 10.27
C VAL A 163 7.44 -8.66 9.21
N ALA A 164 7.01 -8.83 7.94
CA ALA A 164 7.29 -7.90 6.84
C ALA A 164 6.71 -6.50 7.13
N LYS A 165 5.48 -6.43 7.69
CA LYS A 165 4.88 -5.13 8.06
C LYS A 165 5.63 -4.45 9.23
N SER A 166 6.12 -5.24 10.22
CA SER A 166 6.93 -4.69 11.33
C SER A 166 8.21 -4.04 10.75
N ALA A 167 8.82 -4.69 9.74
CA ALA A 167 10.02 -4.18 9.05
C ALA A 167 9.66 -2.90 8.27
N LEU A 168 8.51 -2.87 7.56
CA LEU A 168 8.03 -1.71 6.81
C LEU A 168 7.88 -0.47 7.71
N GLU A 169 7.28 -0.63 8.90
CA GLU A 169 7.09 0.49 9.84
C GLU A 169 8.45 1.09 10.25
N SER A 170 9.47 0.23 10.46
CA SER A 170 10.82 0.68 10.79
C SER A 170 11.45 1.43 9.60
N VAL A 171 11.32 0.88 8.37
CA VAL A 171 11.82 1.49 7.12
C VAL A 171 11.22 2.89 6.95
N ASN A 172 9.89 3.04 7.19
CA ASN A 172 9.19 4.33 7.06
C ASN A 172 9.83 5.44 7.93
N ARG A 173 10.26 5.10 9.17
CA ARG A 173 10.91 6.07 10.07
C ARG A 173 12.27 6.57 9.52
N PHE A 174 13.02 5.69 8.83
CA PHE A 174 14.29 6.06 8.19
C PHE A 174 14.08 6.83 6.89
N VAL A 175 13.06 6.44 6.10
CA VAL A 175 12.70 7.16 4.86
C VAL A 175 12.33 8.61 5.20
N ALA A 176 11.59 8.84 6.32
CA ALA A 176 11.22 10.20 6.75
C ALA A 176 12.48 11.09 6.98
N ARG A 177 13.57 10.51 7.53
CA ARG A 177 14.84 11.24 7.76
C ARG A 177 15.42 11.75 6.43
N GLU A 178 15.45 10.89 5.39
CA GLU A 178 15.99 11.24 4.08
C GLU A 178 15.07 12.21 3.32
N ALA A 179 13.75 11.92 3.32
CA ALA A 179 12.74 12.73 2.63
C ALA A 179 12.66 14.17 3.18
N GLY A 180 12.90 14.32 4.49
CA GLY A 180 12.92 15.63 5.16
C GLY A 180 13.88 16.64 4.54
N LYS A 181 15.02 16.15 4.00
CA LYS A 181 16.05 16.97 3.34
C LYS A 181 15.53 17.62 2.03
N TYR A 182 14.47 17.02 1.43
CA TYR A 182 13.81 17.47 0.21
C TYR A 182 12.51 18.25 0.51
N GLY A 183 12.17 18.40 1.80
CA GLY A 183 10.94 19.03 2.26
C GLY A 183 9.73 18.15 2.00
N VAL A 184 9.94 16.81 2.01
CA VAL A 184 8.92 15.78 1.72
C VAL A 184 8.58 14.96 2.98
N ARG A 185 7.29 14.64 3.20
CA ARG A 185 6.81 13.83 4.32
C ARG A 185 6.74 12.35 3.88
N SER A 186 6.86 11.42 4.84
CA SER A 186 6.73 9.97 4.58
C SER A 186 5.85 9.37 5.68
N ASN A 187 4.73 8.74 5.31
CA ASN A 187 3.82 8.14 6.31
C ASN A 187 3.17 6.86 5.80
N LEU A 188 2.59 6.05 6.72
CA LEU A 188 1.87 4.84 6.34
C LEU A 188 0.42 4.95 6.79
N VAL A 189 -0.50 4.29 6.06
CA VAL A 189 -1.90 4.17 6.47
C VAL A 189 -2.09 2.71 6.89
N ALA A 190 -2.43 2.46 8.17
CA ALA A 190 -2.71 1.11 8.67
C ALA A 190 -4.21 0.90 8.49
N ALA A 191 -4.60 0.10 7.48
CA ALA A 191 -6.01 -0.12 7.18
C ALA A 191 -6.58 -1.35 7.87
N GLY A 192 -7.90 -1.36 8.05
CA GLY A 192 -8.59 -2.55 8.54
C GLY A 192 -8.66 -3.54 7.38
N PRO A 193 -9.12 -4.79 7.60
CA PRO A 193 -9.13 -5.78 6.49
C PRO A 193 -10.09 -5.43 5.37
N ILE A 194 -9.64 -5.66 4.11
CA ILE A 194 -10.40 -5.36 2.90
C ILE A 194 -10.53 -6.65 2.07
N ARG A 195 -11.75 -6.97 1.64
CA ARG A 195 -12.05 -8.16 0.85
C ARG A 195 -11.67 -8.02 -0.63
N THR A 196 -10.36 -8.02 -0.90
CA THR A 196 -9.81 -8.00 -2.26
C THR A 196 -10.00 -9.43 -2.83
N LEU A 197 -9.65 -9.66 -4.10
CA LEU A 197 -9.76 -10.98 -4.71
C LEU A 197 -8.93 -12.03 -3.94
N ALA A 198 -7.67 -11.71 -3.60
CA ALA A 198 -6.79 -12.63 -2.85
C ALA A 198 -7.32 -12.93 -1.44
N MET A 199 -7.84 -11.91 -0.73
CA MET A 199 -8.40 -12.11 0.61
C MET A 199 -9.66 -12.98 0.59
N SER A 200 -10.54 -12.78 -0.43
CA SER A 200 -11.74 -13.61 -0.58
C SER A 200 -11.35 -15.07 -0.88
N ALA A 201 -10.28 -15.28 -1.69
CA ALA A 201 -9.79 -16.63 -2.02
C ALA A 201 -9.25 -17.34 -0.77
N ILE A 202 -8.54 -16.60 0.12
CA ILE A 202 -8.02 -17.16 1.39
C ILE A 202 -9.19 -17.61 2.29
N VAL A 203 -10.22 -16.75 2.45
CA VAL A 203 -11.43 -17.07 3.22
C VAL A 203 -12.14 -18.32 2.63
N GLY A 204 -12.08 -18.45 1.29
CA GLY A 204 -12.61 -19.59 0.56
C GLY A 204 -11.78 -20.86 0.64
N GLY A 205 -10.64 -20.79 1.34
CA GLY A 205 -9.76 -21.92 1.58
C GLY A 205 -8.57 -22.17 0.68
N ALA A 206 -8.08 -21.14 -0.05
CA ALA A 206 -6.93 -21.28 -0.96
C ALA A 206 -5.62 -21.66 -0.24
N LEU A 207 -5.49 -21.28 1.04
CA LEU A 207 -4.31 -21.60 1.87
C LEU A 207 -4.63 -22.66 2.94
N GLY A 208 -5.67 -23.46 2.70
CA GLY A 208 -6.12 -24.50 3.62
C GLY A 208 -7.30 -24.04 4.46
N GLU A 209 -8.09 -25.01 4.97
CA GLU A 209 -9.30 -24.74 5.77
C GLU A 209 -9.01 -24.01 7.08
N GLU A 210 -7.99 -24.45 7.84
CA GLU A 210 -7.59 -23.86 9.11
C GLU A 210 -7.29 -22.37 8.95
N ALA A 211 -6.42 -22.00 7.97
CA ALA A 211 -6.07 -20.61 7.68
C ALA A 211 -7.29 -19.77 7.28
N GLY A 212 -8.16 -20.34 6.44
CA GLY A 212 -9.39 -19.69 6.00
C GLY A 212 -10.33 -19.36 7.16
N ALA A 213 -10.55 -20.34 8.05
CA ALA A 213 -11.40 -20.19 9.23
C ALA A 213 -10.83 -19.11 10.19
N GLN A 214 -9.51 -19.10 10.38
CA GLN A 214 -8.81 -18.14 11.24
C GLN A 214 -8.93 -16.71 10.69
N ILE A 215 -8.65 -16.53 9.38
CA ILE A 215 -8.75 -15.23 8.70
C ILE A 215 -10.20 -14.70 8.77
N GLN A 216 -11.22 -15.57 8.50
CA GLN A 216 -12.62 -15.15 8.58
C GLN A 216 -13.00 -14.62 9.98
N LEU A 217 -12.61 -15.35 11.04
CA LEU A 217 -12.88 -14.96 12.42
C LEU A 217 -12.12 -13.67 12.78
N LEU A 218 -10.84 -13.57 12.35
CA LEU A 218 -9.98 -12.41 12.58
C LEU A 218 -10.64 -11.17 11.99
N GLU A 219 -11.02 -11.24 10.70
CA GLU A 219 -11.66 -10.13 9.97
C GLU A 219 -12.96 -9.67 10.62
N GLU A 220 -13.77 -10.62 11.17
CA GLU A 220 -15.05 -10.35 11.85
C GLU A 220 -14.93 -9.58 13.16
N GLY A 221 -13.77 -9.66 13.80
CA GLY A 221 -13.49 -8.97 15.06
C GLY A 221 -13.44 -7.46 14.93
N TRP A 222 -12.99 -6.94 13.76
CA TRP A 222 -12.86 -5.50 13.50
C TRP A 222 -14.18 -4.73 13.65
N ASP A 223 -15.25 -5.19 12.98
CA ASP A 223 -16.55 -4.51 13.07
C ASP A 223 -17.09 -4.48 14.49
N GLN A 224 -16.89 -5.57 15.25
CA GLN A 224 -17.33 -5.68 16.65
C GLN A 224 -16.61 -4.65 17.55
N ARG A 225 -15.27 -4.55 17.43
CA ARG A 225 -14.42 -3.65 18.23
C ARG A 225 -14.50 -2.18 17.83
N ALA A 226 -14.66 -1.91 16.53
CA ALA A 226 -14.66 -0.54 15.99
C ALA A 226 -15.83 0.32 16.53
N PRO A 227 -15.57 1.43 17.28
CA PRO A 227 -16.71 2.26 17.77
C PRO A 227 -17.63 2.81 16.67
N ILE A 228 -17.12 2.98 15.43
CA ILE A 228 -17.90 3.47 14.28
C ILE A 228 -18.17 2.35 13.24
N GLY A 229 -17.83 1.11 13.60
CA GLY A 229 -18.01 -0.05 12.74
C GLY A 229 -16.93 -0.15 11.66
N TRP A 230 -16.93 -1.29 10.93
CA TRP A 230 -15.96 -1.53 9.85
C TRP A 230 -16.61 -2.38 8.76
N ASN A 231 -16.57 -1.86 7.53
CA ASN A 231 -17.14 -2.56 6.36
C ASN A 231 -15.98 -3.02 5.46
N MET A 232 -15.65 -4.32 5.55
CA MET A 232 -14.56 -4.93 4.79
C MET A 232 -14.80 -4.95 3.26
N LYS A 233 -16.05 -4.65 2.81
CA LYS A 233 -16.38 -4.59 1.38
C LYS A 233 -16.29 -3.16 0.82
N ASP A 234 -15.86 -2.17 1.66
CA ASP A 234 -15.77 -0.76 1.27
C ASP A 234 -14.36 -0.18 1.45
N ALA A 235 -13.65 0.04 0.33
CA ALA A 235 -12.29 0.60 0.39
C ALA A 235 -12.24 2.14 0.36
N THR A 236 -13.39 2.82 0.10
CA THR A 236 -13.47 4.29 0.00
C THR A 236 -12.93 5.02 1.28
N PRO A 237 -13.26 4.62 2.55
CA PRO A 237 -12.66 5.33 3.72
C PRO A 237 -11.13 5.27 3.77
N VAL A 238 -10.54 4.15 3.29
CA VAL A 238 -9.08 3.96 3.23
C VAL A 238 -8.49 4.91 2.15
N ALA A 239 -9.11 4.94 0.95
CA ALA A 239 -8.68 5.82 -0.16
C ALA A 239 -8.74 7.31 0.25
N LYS A 240 -9.81 7.74 0.98
CA LYS A 240 -9.95 9.12 1.46
C LYS A 240 -8.79 9.50 2.42
N THR A 241 -8.42 8.58 3.35
CA THR A 241 -7.33 8.76 4.32
C THR A 241 -5.97 8.95 3.60
N VAL A 242 -5.70 8.13 2.56
CA VAL A 242 -4.47 8.26 1.75
C VAL A 242 -4.44 9.67 1.10
N CYS A 243 -5.58 10.11 0.52
CA CYS A 243 -5.69 11.45 -0.08
C CYS A 243 -5.47 12.58 0.93
N ALA A 244 -5.94 12.40 2.20
CA ALA A 244 -5.72 13.37 3.28
C ALA A 244 -4.20 13.57 3.51
N LEU A 245 -3.42 12.46 3.54
CA LEU A 245 -1.97 12.51 3.71
C LEU A 245 -1.24 13.10 2.50
N LEU A 246 -1.80 12.93 1.28
CA LEU A 246 -1.22 13.49 0.05
C LEU A 246 -1.49 15.00 -0.05
N SER A 247 -2.51 15.50 0.66
CA SER A 247 -2.91 16.92 0.65
C SER A 247 -1.98 17.80 1.50
N ASP A 248 -2.28 19.11 1.57
CA ASP A 248 -1.52 20.06 2.37
C ASP A 248 -2.10 20.18 3.81
N TRP A 249 -3.08 19.31 4.19
CA TRP A 249 -3.80 19.43 5.46
C TRP A 249 -3.23 18.65 6.67
N LEU A 250 -2.13 17.88 6.49
CA LEU A 250 -1.40 17.22 7.58
C LEU A 250 0.09 17.60 7.38
N PRO A 251 0.44 18.92 7.43
CA PRO A 251 1.80 19.35 7.06
C PRO A 251 2.90 19.10 8.09
N ALA A 252 2.52 18.73 9.33
CA ALA A 252 3.50 18.52 10.40
C ALA A 252 3.60 17.06 10.87
N THR A 253 3.13 16.11 10.03
CA THR A 253 3.15 14.68 10.33
C THR A 253 4.10 13.95 9.38
N THR A 254 5.12 13.26 9.94
CA THR A 254 6.10 12.48 9.15
C THR A 254 6.71 11.34 10.00
N GLY A 255 7.14 10.26 9.31
CA GLY A 255 7.66 9.04 9.93
C GLY A 255 6.62 8.32 10.76
N ASP A 256 5.34 8.64 10.51
CA ASP A 256 4.20 8.19 11.30
C ASP A 256 3.24 7.21 10.64
N ILE A 257 2.23 6.77 11.42
CA ILE A 257 1.19 5.83 11.01
C ILE A 257 -0.18 6.41 11.37
N ILE A 258 -1.07 6.50 10.36
CA ILE A 258 -2.46 6.94 10.54
C ILE A 258 -3.32 5.67 10.43
N TYR A 259 -4.18 5.42 11.43
CA TYR A 259 -5.02 4.22 11.46
C TYR A 259 -6.40 4.45 10.85
N ALA A 260 -6.69 3.82 9.71
CA ALA A 260 -8.01 3.90 9.04
C ALA A 260 -8.65 2.51 9.22
N ASP A 261 -9.07 2.22 10.45
CA ASP A 261 -9.56 0.90 10.85
C ASP A 261 -10.86 0.94 11.67
N GLY A 262 -11.58 2.06 11.62
CA GLY A 262 -12.81 2.28 12.39
C GLY A 262 -12.57 2.47 13.88
N GLY A 263 -11.31 2.65 14.28
CA GLY A 263 -10.91 2.77 15.68
C GLY A 263 -10.74 1.43 16.40
N ALA A 264 -10.75 0.31 15.64
CA ALA A 264 -10.64 -1.04 16.23
C ALA A 264 -9.37 -1.27 17.08
N HIS A 265 -8.22 -0.70 16.68
CA HIS A 265 -6.97 -0.88 17.44
C HIS A 265 -6.94 -0.19 18.81
N THR A 266 -7.92 0.68 19.09
CA THR A 266 -8.00 1.45 20.34
C THR A 266 -8.88 0.77 21.41
N GLN A 267 -9.52 -0.38 21.06
CA GLN A 267 -10.47 -1.07 21.93
C GLN A 267 -10.07 -2.53 22.15
N LEU A 268 -10.20 -3.02 23.39
CA LEU A 268 -9.83 -4.42 23.66
C LEU A 268 -10.98 -5.32 23.26
N LEU A 269 -12.19 -4.96 23.71
N LEU A 269 -12.21 -4.96 23.68
CA LEU A 269 -13.45 -5.67 23.43
CA LEU A 269 -13.45 -5.66 23.34
C LEU A 269 -14.57 -4.64 23.26
C LEU A 269 -14.60 -4.66 23.15
PA NAD B . -3.37 -6.31 -4.37
O1A NAD B . -3.07 -7.72 -4.76
O2A NAD B . -4.55 -5.77 -5.17
O5B NAD B . -2.13 -5.34 -4.48
C5B NAD B . -0.76 -5.72 -4.25
C4B NAD B . 0.07 -5.23 -5.42
O4B NAD B . 1.46 -5.57 -5.25
C3B NAD B . -0.37 -5.78 -6.79
O3B NAD B . -0.72 -4.75 -7.71
C2B NAD B . 0.89 -6.51 -7.27
O2B NAD B . 1.08 -6.49 -8.69
C1B NAD B . 1.96 -5.72 -6.56
N9A NAD B . 3.28 -6.36 -6.60
C8A NAD B . 3.63 -7.62 -6.18
N7A NAD B . 4.88 -7.93 -6.41
C5A NAD B . 5.40 -6.79 -7.02
C6A NAD B . 6.69 -6.49 -7.52
N6A NAD B . 7.72 -7.33 -7.51
N1A NAD B . 6.87 -5.25 -8.06
C2A NAD B . 5.84 -4.41 -8.10
N3A NAD B . 4.58 -4.59 -7.66
C4A NAD B . 4.43 -5.82 -7.13
O3 NAD B . -3.78 -6.26 -2.82
PN NAD B . -4.11 -5.07 -1.81
O1N NAD B . -4.74 -3.95 -2.54
O2N NAD B . -4.82 -5.67 -0.66
O5D NAD B . -2.63 -4.70 -1.32
C5D NAD B . -2.06 -3.37 -1.41
C4D NAD B . -1.31 -3.05 -0.13
O4D NAD B . -2.25 -2.85 0.97
C3D NAD B . -0.32 -4.12 0.37
O3D NAD B . 0.84 -3.49 0.92
C2D NAD B . -1.12 -4.83 1.47
O2D NAD B . -0.32 -5.51 2.42
C1D NAD B . -1.84 -3.61 2.07
N1N NAD B . -3.06 -3.91 2.94
C2N NAD B . -4.03 -4.75 2.56
C3N NAD B . -5.11 -4.99 3.40
C7N NAD B . -6.20 -5.94 3.00
O7N NAD B . -6.91 -6.47 3.88
N7N NAD B . -6.38 -6.20 1.68
C4N NAD B . -5.17 -4.30 4.62
C5N NAD B . -4.14 -3.43 4.97
C6N NAD B . -3.09 -3.24 4.11
C10 9WE C . -6.41 -8.87 5.99
C13 9WE C . -2.03 -8.65 -0.29
C17 9WE C . -0.74 -9.90 1.45
C20 9WE C . -1.12 -12.23 -3.34
C21 9WE C . -0.36 -13.36 -3.07
C22 9WE C . 0.52 -13.24 -2.01
O01 9WE C . -1.87 -7.54 3.76
C02 9WE C . -2.82 -8.19 3.30
N03 9WE C . -3.97 -8.38 3.99
C04 9WE C . -4.18 -7.86 5.33
C05 9WE C . -5.04 -8.75 6.19
C06 9WE C . -4.50 -9.52 7.22
C07 9WE C . -5.31 -10.34 7.99
C08 9WE C . -6.66 -10.36 7.70
N09 9WE C . -7.22 -9.66 6.71
N11 9WE C . -2.80 -8.71 2.05
C12 9WE C . -1.62 -8.69 1.17
C14 9WE C . -0.79 -8.73 -1.19
N15 9WE C . -0.02 -9.95 -0.90
C16 9WE C . 0.44 -9.93 0.49
C18 9WE C . -0.14 -11.10 -1.62
N19 9WE C . -1.05 -11.11 -2.63
N23 9WE C . 0.66 -12.12 -1.28
H30 9WE C . -6.83 -8.42 5.30
H34 9WE C . -2.59 -9.38 -0.47
H33 9WE C . -2.51 -7.87 -0.48
H40 9WE C . -0.41 -9.84 2.33
H39 9WE C . -1.23 -10.70 1.39
H41 9WE C . -1.75 -12.24 -4.03
H42 9WE C . -0.44 -14.13 -3.57
H43 9WE C . 1.07 -13.95 -1.78
H24 9WE C . -4.62 -8.82 3.62
H25 9WE C . -4.59 -7.01 5.26
H26 9WE C . -3.35 -7.72 5.74
H27 9WE C . -3.60 -9.43 7.44
H28 9WE C . -4.96 -10.83 8.69
H29 9WE C . -7.24 -10.90 8.18
H31 9WE C . -3.49 -9.18 1.78
H32 9WE C . -1.15 -7.90 1.37
H35 9WE C . -1.04 -8.69 -2.09
H36 9WE C . -0.27 -7.98 -1.02
H38 9WE C . 0.96 -9.17 0.65
H37 9WE C . 0.99 -10.68 0.69
P PO4 D . -13.29 -3.75 -2.68
O1 PO4 D . -11.76 -3.53 -2.79
O2 PO4 D . -13.60 -5.24 -2.18
O3 PO4 D . -13.89 -2.71 -1.63
O4 PO4 D . -13.97 -3.51 -4.11
#